data_2QM0
#
_entry.id   2QM0
#
_cell.length_a   48.849
_cell.length_b   135.058
_cell.length_c   200.873
_cell.angle_alpha   90.00
_cell.angle_beta   90.00
_cell.angle_gamma   90.00
#
_symmetry.space_group_name_H-M   'C 2 2 21'
#
loop_
_entity.id
_entity.type
_entity.pdbx_description
1 polymer BES
2 non-polymer 'SULFATE ION'
3 water water
#
_entity_poly.entity_id   1
_entity_poly.type   'polypeptide(L)'
_entity_poly.pdbx_seq_one_letter_code
;SNA(MSE)NTTVEKQQIITSNTEQWK(MSE)YSKLEGKEYQIHISKPKQPAPDSGYPVIYVLDGNAFFQTFHEAVKIQSV
RAEKTGVSPAIIVGVGYPIEGAFSGEERCYDFTPSVISKDAPLKPDGKPWPKTGGAHNFFTFIEEELKPQIEKNFEIDKG
KQTLFGH(SVY)LGGLFALHILFTNLNAFQNYFISSPSIWWNNKSVLEKEENLIIELNNAKFETGVFLTVGSLEREH
(MSE)VVGANELSERLLQVNHDKLKFKFYEAEGENHASVVPTSLSKGLRFISYV
;
_entity_poly.pdbx_strand_id   A,B
#
loop_
_chem_comp.id
_chem_comp.type
_chem_comp.name
_chem_comp.formula
SO4 non-polymer 'SULFATE ION' 'O4 S -2'
#
# COMPACT_ATOMS: atom_id res chain seq x y z
N ASN A 5 -17.16 -16.52 29.07
CA ASN A 5 -16.33 -16.30 27.84
C ASN A 5 -17.14 -16.22 26.54
N THR A 6 -16.59 -15.48 25.57
CA THR A 6 -17.24 -15.22 24.29
C THR A 6 -16.46 -15.83 23.11
N THR A 7 -17.19 -16.15 22.04
CA THR A 7 -16.65 -16.75 20.80
C THR A 7 -16.58 -15.67 19.71
N VAL A 8 -15.86 -15.95 18.62
CA VAL A 8 -16.06 -15.22 17.34
C VAL A 8 -16.13 -16.21 16.17
N GLU A 9 -16.93 -15.89 15.16
CA GLU A 9 -16.95 -16.67 13.93
C GLU A 9 -15.68 -16.40 13.10
N LYS A 10 -14.81 -17.41 13.03
N LYS A 10 -14.80 -17.40 13.02
CA LYS A 10 -13.52 -17.28 12.35
CA LYS A 10 -13.53 -17.30 12.28
C LYS A 10 -13.60 -17.77 10.91
C LYS A 10 -13.67 -17.75 10.83
N GLN A 11 -12.87 -17.08 10.03
N GLN A 11 -13.13 -16.94 9.92
CA GLN A 11 -13.06 -17.19 8.60
CA GLN A 11 -13.17 -17.19 8.49
C GLN A 11 -11.72 -16.88 7.90
C GLN A 11 -11.79 -16.87 7.89
N GLN A 12 -11.68 -17.03 6.57
CA GLN A 12 -10.48 -16.60 5.80
C GLN A 12 -10.85 -15.34 5.03
N ILE A 13 -9.88 -14.46 4.81
CA ILE A 13 -10.10 -13.28 4.02
C ILE A 13 -10.18 -13.70 2.54
N ILE A 14 -11.29 -13.33 1.92
CA ILE A 14 -11.46 -13.55 0.49
C ILE A 14 -11.72 -12.17 -0.15
N THR A 15 -10.80 -11.72 -1.00
CA THR A 15 -10.88 -10.39 -1.61
C THR A 15 -11.78 -10.43 -2.85
N SER A 16 -12.76 -9.53 -2.89
CA SER A 16 -13.65 -9.42 -4.04
C SER A 16 -12.93 -8.89 -5.31
N ASN A 17 -13.42 -9.24 -6.50
CA ASN A 17 -12.84 -8.85 -7.79
C ASN A 17 -11.38 -9.29 -7.92
N THR A 18 -11.07 -10.40 -7.27
CA THR A 18 -9.78 -11.04 -7.48
C THR A 18 -9.93 -12.54 -7.72
N GLU A 19 -8.86 -13.11 -8.25
CA GLU A 19 -8.73 -14.55 -8.42
C GLU A 19 -7.26 -14.92 -8.56
N GLN A 20 -7.01 -16.22 -8.45
CA GLN A 20 -5.70 -16.76 -8.53
C GLN A 20 -5.70 -17.85 -9.62
N TRP A 21 -4.59 -17.92 -10.35
CA TRP A 21 -4.33 -18.99 -11.32
C TRP A 21 -3.06 -19.76 -10.93
N LYS A 22 -3.20 -21.07 -10.89
CA LYS A 22 -2.09 -22.00 -10.83
C LYS A 22 -1.74 -22.45 -12.27
N MSE A 23 -0.47 -22.30 -12.64
CA MSE A 23 0.04 -22.52 -14.01
C MSE A 23 1.41 -23.13 -13.93
O MSE A 23 2.15 -22.85 -13.00
CB MSE A 23 0.18 -21.20 -14.77
CG MSE A 23 -1.08 -20.51 -15.13
SE MSE A 23 -0.66 -18.94 -16.21
CE MSE A 23 -0.45 -19.84 -17.96
N TYR A 24 1.75 -23.96 -14.92
CA TYR A 24 3.09 -24.53 -15.01
C TYR A 24 3.66 -24.11 -16.37
N SER A 25 4.91 -23.70 -16.40
CA SER A 25 5.51 -23.29 -17.66
C SER A 25 5.66 -24.49 -18.56
N LYS A 26 5.37 -24.27 -19.84
CA LYS A 26 5.42 -25.35 -20.85
C LYS A 26 6.79 -25.98 -20.95
N LEU A 27 7.83 -25.15 -20.99
CA LEU A 27 9.17 -25.66 -21.22
C LEU A 27 9.80 -26.38 -20.05
N GLU A 28 9.61 -25.87 -18.85
CA GLU A 28 10.35 -26.39 -17.70
C GLU A 28 9.43 -27.00 -16.66
N GLY A 29 8.13 -26.79 -16.82
CA GLY A 29 7.13 -27.27 -15.86
C GLY A 29 7.23 -26.55 -14.51
N LYS A 30 7.77 -25.32 -14.52
N LYS A 30 7.74 -25.32 -14.53
CA LYS A 30 7.87 -24.46 -13.34
CA LYS A 30 7.84 -24.47 -13.35
C LYS A 30 6.50 -23.93 -12.93
C LYS A 30 6.48 -23.93 -12.93
N GLU A 31 6.15 -24.09 -11.65
CA GLU A 31 4.83 -23.67 -11.12
C GLU A 31 4.78 -22.17 -10.74
N TYR A 32 3.78 -21.49 -11.28
CA TYR A 32 3.54 -20.09 -10.95
C TYR A 32 2.20 -19.94 -10.29
N GLN A 33 2.08 -18.92 -9.44
CA GLN A 33 0.82 -18.59 -8.81
C GLN A 33 0.51 -17.14 -9.25
N ILE A 34 -0.54 -16.99 -10.03
CA ILE A 34 -0.85 -15.67 -10.64
C ILE A 34 -1.98 -15.05 -9.85
N HIS A 35 -1.78 -13.82 -9.34
CA HIS A 35 -2.87 -13.09 -8.69
C HIS A 35 -3.43 -12.07 -9.65
N ILE A 36 -4.75 -11.99 -9.73
CA ILE A 36 -5.37 -11.09 -10.69
C ILE A 36 -6.43 -10.25 -10.01
N SER A 37 -6.40 -8.94 -10.28
CA SER A 37 -7.33 -7.98 -9.77
C SER A 37 -8.05 -7.34 -10.97
N LYS A 38 -9.37 -7.32 -10.96
CA LYS A 38 -10.14 -6.64 -12.01
C LYS A 38 -10.88 -5.43 -11.43
N PRO A 39 -10.87 -4.28 -12.14
CA PRO A 39 -11.60 -3.08 -11.68
C PRO A 39 -13.10 -3.30 -11.55
N LYS A 40 -13.68 -2.57 -10.61
CA LYS A 40 -15.13 -2.49 -10.47
C LYS A 40 -15.73 -1.78 -11.67
N GLN A 41 -15.04 -0.72 -12.12
CA GLN A 41 -15.43 0.09 -13.29
C GLN A 41 -15.44 -0.74 -14.58
N PRO A 42 -16.42 -0.51 -15.46
CA PRO A 42 -16.49 -1.15 -16.79
C PRO A 42 -15.26 -0.86 -17.61
N ALA A 43 -14.83 -1.83 -18.42
CA ALA A 43 -13.68 -1.59 -19.31
C ALA A 43 -13.92 -0.43 -20.27
N PRO A 44 -12.87 0.36 -20.59
CA PRO A 44 -13.12 1.28 -21.71
C PRO A 44 -13.30 0.48 -23.01
N ASP A 45 -13.69 1.14 -24.09
CA ASP A 45 -13.95 0.41 -25.33
C ASP A 45 -12.68 -0.32 -25.81
N SER A 46 -11.51 0.28 -25.66
CA SER A 46 -10.28 -0.38 -26.09
C SER A 46 -9.76 -1.49 -25.16
N GLY A 47 -10.46 -1.69 -24.03
CA GLY A 47 -10.05 -2.65 -23.01
C GLY A 47 -9.39 -1.95 -21.81
N TYR A 48 -9.17 -2.72 -20.74
CA TYR A 48 -8.44 -2.24 -19.56
C TYR A 48 -6.92 -2.19 -19.82
N PRO A 49 -6.24 -1.13 -19.33
CA PRO A 49 -4.77 -1.14 -19.15
C PRO A 49 -4.45 -2.33 -18.27
N VAL A 50 -3.21 -2.85 -18.30
CA VAL A 50 -2.89 -4.01 -17.47
C VAL A 50 -1.50 -3.78 -16.89
N ILE A 51 -1.31 -4.13 -15.62
CA ILE A 51 -0.05 -3.97 -14.92
C ILE A 51 0.46 -5.35 -14.47
N TYR A 52 1.62 -5.77 -15.02
CA TYR A 52 2.25 -7.03 -14.65
C TYR A 52 3.21 -6.70 -13.55
N VAL A 53 3.04 -7.38 -12.41
CA VAL A 53 3.75 -7.09 -11.21
C VAL A 53 4.61 -8.31 -10.86
N LEU A 54 5.91 -8.16 -11.02
CA LEU A 54 6.85 -9.22 -10.68
C LEU A 54 6.97 -9.34 -9.16
N ASP A 55 7.44 -10.50 -8.63
CA ASP A 55 7.33 -10.77 -7.18
C ASP A 55 5.89 -10.57 -6.67
N GLY A 56 4.95 -11.19 -7.37
CA GLY A 56 3.52 -10.95 -7.15
C GLY A 56 3.11 -11.17 -5.69
N ASN A 57 3.65 -12.21 -5.03
CA ASN A 57 3.33 -12.44 -3.60
C ASN A 57 3.65 -11.27 -2.70
N ALA A 58 4.68 -10.47 -3.04
CA ALA A 58 5.14 -9.35 -2.21
C ALA A 58 4.34 -8.04 -2.39
N PHE A 59 3.82 -7.83 -3.60
CA PHE A 59 3.33 -6.51 -3.99
C PHE A 59 1.95 -6.46 -4.54
N PHE A 60 1.35 -7.63 -4.82
CA PHE A 60 0.05 -7.62 -5.48
C PHE A 60 -1.03 -6.80 -4.73
N GLN A 61 -1.25 -7.07 -3.45
CA GLN A 61 -2.35 -6.41 -2.68
C GLN A 61 -2.14 -4.91 -2.61
N THR A 62 -0.88 -4.51 -2.49
CA THR A 62 -0.49 -3.09 -2.45
C THR A 62 -0.92 -2.36 -3.75
N PHE A 63 -0.60 -2.92 -4.92
CA PHE A 63 -1.07 -2.37 -6.18
C PHE A 63 -2.61 -2.41 -6.27
N HIS A 64 -3.18 -3.55 -5.90
CA HIS A 64 -4.63 -3.73 -5.99
C HIS A 64 -5.35 -2.64 -5.17
N GLU A 65 -4.94 -2.48 -3.93
CA GLU A 65 -5.67 -1.59 -2.99
C GLU A 65 -5.52 -0.14 -3.45
N ALA A 66 -4.31 0.24 -3.86
CA ALA A 66 -4.10 1.63 -4.36
C ALA A 66 -4.90 1.93 -5.60
N VAL A 67 -4.91 1.03 -6.58
CA VAL A 67 -5.72 1.22 -7.80
C VAL A 67 -7.24 1.25 -7.49
N LYS A 68 -7.67 0.34 -6.64
CA LYS A 68 -9.07 0.27 -6.25
C LYS A 68 -9.54 1.61 -5.58
N ILE A 69 -8.72 2.19 -4.73
CA ILE A 69 -9.09 3.49 -4.13
C ILE A 69 -8.87 4.67 -5.10
N GLN A 70 -7.69 4.77 -5.68
CA GLN A 70 -7.32 5.99 -6.42
C GLN A 70 -8.05 6.10 -7.74
N SER A 71 -8.40 4.98 -8.35
CA SER A 71 -8.99 5.03 -9.70
C SER A 71 -10.46 5.46 -9.70
N VAL A 72 -11.09 5.55 -8.52
CA VAL A 72 -12.49 5.99 -8.42
C VAL A 72 -12.65 7.45 -8.88
N ARG A 73 -11.72 8.31 -8.46
N ARG A 73 -11.73 8.31 -8.46
CA ARG A 73 -11.71 9.73 -8.82
CA ARG A 73 -11.73 9.70 -8.88
C ARG A 73 -10.50 10.03 -9.74
C ARG A 73 -10.48 9.98 -9.72
N ALA A 74 -10.46 9.38 -10.92
CA ALA A 74 -9.30 9.46 -11.81
C ALA A 74 -8.83 10.85 -12.17
N GLU A 75 -9.75 11.81 -12.30
CA GLU A 75 -9.35 13.17 -12.64
C GLU A 75 -8.75 13.91 -11.45
N LYS A 76 -9.06 13.50 -10.22
CA LYS A 76 -8.36 14.03 -9.05
C LYS A 76 -7.03 13.31 -8.85
N THR A 77 -7.01 11.98 -8.98
CA THR A 77 -5.80 11.25 -8.62
C THR A 77 -4.83 10.99 -9.78
N GLY A 78 -5.31 11.12 -11.03
CA GLY A 78 -4.48 10.76 -12.20
C GLY A 78 -4.24 9.25 -12.38
N VAL A 79 -5.01 8.42 -11.70
CA VAL A 79 -4.85 6.96 -11.77
C VAL A 79 -6.01 6.28 -12.52
N SER A 80 -5.68 5.55 -13.58
CA SER A 80 -6.63 4.77 -14.40
C SER A 80 -6.95 3.42 -13.79
N PRO A 81 -8.23 3.01 -13.86
CA PRO A 81 -8.57 1.62 -13.54
C PRO A 81 -7.72 0.67 -14.43
N ALA A 82 -7.07 -0.30 -13.82
CA ALA A 82 -6.23 -1.28 -14.53
C ALA A 82 -6.42 -2.64 -13.92
N ILE A 83 -6.31 -3.69 -14.73
CA ILE A 83 -6.20 -5.06 -14.24
C ILE A 83 -4.77 -5.21 -13.69
N ILE A 84 -4.67 -5.81 -12.51
CA ILE A 84 -3.36 -6.07 -11.96
C ILE A 84 -3.08 -7.57 -12.05
N VAL A 85 -1.90 -7.91 -12.56
CA VAL A 85 -1.48 -9.30 -12.65
C VAL A 85 -0.20 -9.54 -11.86
N GLY A 86 -0.34 -10.10 -10.67
CA GLY A 86 0.86 -10.40 -9.85
C GLY A 86 1.40 -11.74 -10.35
N VAL A 87 2.68 -11.72 -10.72
CA VAL A 87 3.38 -12.91 -11.19
C VAL A 87 4.17 -13.45 -10.03
N GLY A 88 3.56 -14.41 -9.35
CA GLY A 88 4.14 -14.95 -8.14
C GLY A 88 4.36 -16.46 -8.15
N TYR A 89 4.55 -16.99 -6.95
CA TYR A 89 4.99 -18.34 -6.75
C TYR A 89 4.12 -18.97 -5.68
N PRO A 90 4.00 -20.32 -5.67
CA PRO A 90 3.25 -21.03 -4.65
C PRO A 90 4.05 -21.12 -3.33
N ILE A 91 4.09 -20.00 -2.60
CA ILE A 91 4.92 -19.85 -1.39
C ILE A 91 4.07 -19.10 -0.37
N GLU A 92 4.50 -19.16 0.89
CA GLU A 92 3.77 -18.50 1.97
C GLU A 92 4.34 -17.10 2.24
N GLY A 93 5.60 -16.88 1.85
CA GLY A 93 6.33 -15.63 2.05
C GLY A 93 6.08 -14.61 0.94
N ALA A 94 6.84 -13.53 1.02
CA ALA A 94 6.77 -12.40 0.07
C ALA A 94 7.55 -12.69 -1.22
N PHE A 95 8.76 -13.24 -1.05
CA PHE A 95 9.70 -13.53 -2.14
C PHE A 95 10.11 -15.01 -2.22
N SER A 96 10.22 -15.52 -3.44
CA SER A 96 10.73 -16.90 -3.64
C SER A 96 12.22 -16.87 -4.06
N GLY A 97 13.12 -16.95 -3.09
CA GLY A 97 14.54 -16.71 -3.33
C GLY A 97 15.11 -17.39 -4.57
N GLU A 98 15.05 -18.71 -4.64
CA GLU A 98 15.73 -19.41 -5.76
C GLU A 98 15.04 -19.21 -7.10
N GLU A 99 13.73 -19.40 -7.12
CA GLU A 99 12.94 -19.23 -8.32
C GLU A 99 13.12 -17.84 -8.96
N ARG A 100 12.99 -16.77 -8.16
CA ARG A 100 13.10 -15.43 -8.73
C ARG A 100 14.53 -15.14 -9.22
N CYS A 101 15.51 -15.66 -8.52
CA CYS A 101 16.89 -15.41 -8.89
C CYS A 101 17.18 -15.94 -10.32
N TYR A 102 16.64 -17.13 -10.60
CA TYR A 102 16.75 -17.75 -11.92
C TYR A 102 15.93 -16.98 -12.96
N ASP A 103 14.68 -16.68 -12.63
CA ASP A 103 13.72 -16.05 -13.56
C ASP A 103 14.16 -14.68 -13.96
N PHE A 104 14.81 -13.96 -13.05
CA PHE A 104 15.08 -12.57 -13.31
C PHE A 104 16.43 -12.26 -13.97
N THR A 105 17.36 -13.22 -13.96
CA THR A 105 18.73 -12.99 -14.41
C THR A 105 18.97 -13.42 -15.88
N PRO A 106 19.43 -12.50 -16.73
CA PRO A 106 19.61 -12.76 -18.16
C PRO A 106 20.78 -13.67 -18.46
N SER A 107 21.79 -13.69 -17.60
CA SER A 107 22.91 -14.60 -17.85
C SER A 107 23.31 -15.41 -16.61
N VAL A 108 24.07 -16.47 -16.83
CA VAL A 108 24.63 -17.25 -15.75
C VAL A 108 25.73 -16.38 -15.12
N ILE A 109 25.74 -16.26 -13.78
CA ILE A 109 26.78 -15.46 -13.11
C ILE A 109 28.16 -15.86 -13.55
N SER A 110 29.01 -14.86 -13.78
CA SER A 110 30.40 -15.02 -14.17
C SER A 110 31.23 -16.04 -13.32
N LYS A 111 32.44 -16.36 -13.73
CA LYS A 111 33.36 -17.04 -12.79
C LYS A 111 34.40 -16.06 -12.24
N PRO A 121 27.74 -25.09 -4.89
CA PRO A 121 27.41 -24.24 -6.05
C PRO A 121 26.29 -23.22 -5.77
N TRP A 122 26.41 -22.04 -6.37
CA TRP A 122 25.36 -20.99 -6.35
C TRP A 122 24.01 -21.47 -6.90
N PRO A 123 22.94 -20.69 -6.68
CA PRO A 123 21.64 -21.06 -7.26
C PRO A 123 21.66 -20.80 -8.77
N LYS A 124 20.92 -21.60 -9.53
CA LYS A 124 20.80 -21.41 -10.96
C LYS A 124 20.45 -19.94 -11.28
N THR A 125 21.17 -19.37 -12.24
CA THR A 125 20.89 -18.04 -12.79
C THR A 125 20.71 -18.18 -14.31
N GLY A 126 20.25 -17.12 -14.96
CA GLY A 126 20.17 -17.10 -16.43
C GLY A 126 18.85 -17.55 -17.00
N GLY A 127 17.79 -17.48 -16.23
CA GLY A 127 16.49 -17.96 -16.70
C GLY A 127 15.57 -16.90 -17.25
N ALA A 128 16.07 -15.68 -17.42
CA ALA A 128 15.21 -14.56 -17.90
C ALA A 128 14.61 -14.81 -19.28
N HIS A 129 15.35 -15.48 -20.17
CA HIS A 129 14.77 -15.80 -21.47
C HIS A 129 13.57 -16.72 -21.34
N ASN A 130 13.72 -17.78 -20.55
CA ASN A 130 12.63 -18.72 -20.34
C ASN A 130 11.44 -18.07 -19.61
N PHE A 131 11.75 -17.12 -18.73
CA PHE A 131 10.69 -16.45 -17.98
C PHE A 131 9.93 -15.48 -18.88
N PHE A 132 10.68 -14.77 -19.71
CA PHE A 132 10.06 -13.88 -20.66
C PHE A 132 9.19 -14.67 -21.65
N THR A 133 9.69 -15.79 -22.13
CA THR A 133 8.83 -16.69 -22.92
C THR A 133 7.54 -17.09 -22.21
N PHE A 134 7.65 -17.53 -20.96
CA PHE A 134 6.45 -17.82 -20.17
C PHE A 134 5.45 -16.64 -20.15
N ILE A 135 5.91 -15.44 -19.80
CA ILE A 135 5.05 -14.27 -19.74
C ILE A 135 4.36 -13.98 -21.09
N GLU A 136 5.16 -13.89 -22.16
CA GLU A 136 4.67 -13.44 -23.47
C GLU A 136 3.83 -14.48 -24.15
N GLU A 137 4.25 -15.74 -24.07
CA GLU A 137 3.64 -16.81 -24.87
C GLU A 137 2.58 -17.59 -24.11
N GLU A 138 2.58 -17.50 -22.78
CA GLU A 138 1.73 -18.40 -22.02
C GLU A 138 0.77 -17.63 -21.11
N LEU A 139 1.33 -16.80 -20.24
CA LEU A 139 0.52 -15.98 -19.33
C LEU A 139 -0.32 -14.92 -20.06
N LYS A 140 0.31 -14.11 -20.90
CA LYS A 140 -0.41 -13.02 -21.57
C LYS A 140 -1.60 -13.52 -22.42
N PRO A 141 -1.40 -14.54 -23.27
CA PRO A 141 -2.57 -15.07 -24.04
C PRO A 141 -3.74 -15.49 -23.16
N GLN A 142 -3.44 -16.08 -22.00
CA GLN A 142 -4.52 -16.44 -21.06
C GLN A 142 -5.22 -15.25 -20.45
N ILE A 143 -4.45 -14.23 -20.05
CA ILE A 143 -5.06 -13.02 -19.49
C ILE A 143 -5.92 -12.33 -20.57
N GLU A 144 -5.40 -12.25 -21.79
CA GLU A 144 -6.07 -11.56 -22.89
C GLU A 144 -7.35 -12.28 -23.36
N LYS A 145 -7.40 -13.59 -23.19
CA LYS A 145 -8.61 -14.34 -23.54
C LYS A 145 -9.64 -14.29 -22.41
N ASN A 146 -9.18 -14.17 -21.17
CA ASN A 146 -10.09 -14.15 -20.04
C ASN A 146 -10.58 -12.75 -19.63
N PHE A 147 -9.86 -11.72 -20.09
CA PHE A 147 -10.19 -10.34 -19.75
C PHE A 147 -10.08 -9.45 -20.99
N GLU A 148 -10.76 -8.31 -20.94
N GLU A 148 -10.76 -8.31 -20.94
CA GLU A 148 -10.71 -7.31 -22.00
CA GLU A 148 -10.74 -7.31 -22.01
C GLU A 148 -9.50 -6.42 -21.80
C GLU A 148 -9.52 -6.40 -21.82
N ILE A 149 -8.43 -6.73 -22.51
CA ILE A 149 -7.14 -6.02 -22.36
C ILE A 149 -6.89 -5.02 -23.48
N ASP A 150 -6.47 -3.81 -23.12
CA ASP A 150 -5.85 -2.88 -24.05
C ASP A 150 -4.37 -3.21 -24.20
N LYS A 151 -4.04 -3.84 -25.33
CA LYS A 151 -2.70 -4.35 -25.55
C LYS A 151 -1.67 -3.28 -25.84
N GLY A 152 -2.12 -2.05 -26.09
CA GLY A 152 -1.20 -0.90 -26.21
C GLY A 152 -0.98 -0.19 -24.87
N LYS A 153 -1.51 -0.75 -23.78
CA LYS A 153 -1.41 -0.12 -22.45
C LYS A 153 -1.01 -1.13 -21.37
N GLN A 154 0.13 -1.79 -21.61
CA GLN A 154 0.67 -2.82 -20.69
C GLN A 154 1.89 -2.26 -19.96
N THR A 155 1.93 -2.52 -18.65
CA THR A 155 3.03 -2.06 -17.83
C THR A 155 3.76 -3.25 -17.22
N LEU A 156 5.08 -3.16 -17.16
CA LEU A 156 5.86 -4.14 -16.40
C LEU A 156 6.48 -3.46 -15.17
N PHE A 157 6.18 -3.99 -13.98
CA PHE A 157 6.78 -3.49 -12.76
C PHE A 157 7.73 -4.52 -12.21
N GLY A 158 8.94 -4.09 -11.84
CA GLY A 158 9.84 -5.01 -11.12
C GLY A 158 10.68 -4.25 -10.14
N HIS A 159 10.94 -4.85 -8.97
CA HIS A 159 11.76 -4.22 -7.97
C HIS A 159 13.02 -5.07 -7.71
N SVY A 160 14.18 -4.49 -7.53
CA SVY A 160 15.23 -5.41 -7.07
C SVY A 160 15.89 -6.13 -8.26
O SVY A 160 16.03 -5.60 -9.34
CB SVY A 160 15.65 -5.50 -5.63
OG SVY A 160 16.68 -6.44 -5.22
C1 SVY A 160 14.88 -7.51 -2.21
C2 SVY A 160 15.64 -8.29 -1.10
C3 SVY A 160 13.52 -8.06 -2.73
C1' SVY A 160 19.00 -7.98 -5.25
C2' SVY A 160 19.89 -6.75 -5.34
C3' SVY A 160 19.75 -9.25 -4.90
P SVY A 160 16.48 -7.83 -4.40
O1P SVY A 160 15.71 -7.02 -3.28
O2P SVY A 160 18.06 -7.66 -4.21
O3P SVY A 160 15.84 -8.57 -5.60
N LEU A 161 16.06 -7.43 -8.06
CA LEU A 161 16.27 -8.34 -9.19
C LEU A 161 15.12 -8.26 -10.18
N GLY A 162 13.90 -8.00 -9.71
CA GLY A 162 12.78 -7.74 -10.63
C GLY A 162 12.93 -6.54 -11.54
N GLY A 163 13.55 -5.49 -10.99
CA GLY A 163 13.89 -4.26 -11.68
C GLY A 163 15.02 -4.49 -12.67
N LEU A 164 16.00 -5.30 -12.28
CA LEU A 164 16.99 -5.84 -13.25
C LEU A 164 16.33 -6.50 -14.49
N PHE A 165 15.42 -7.45 -14.26
CA PHE A 165 14.71 -8.11 -15.34
C PHE A 165 13.95 -7.10 -16.21
N ALA A 166 13.25 -6.16 -15.55
CA ALA A 166 12.43 -5.21 -16.31
C ALA A 166 13.33 -4.31 -17.20
N LEU A 167 14.48 -3.92 -16.66
CA LEU A 167 15.48 -3.13 -17.40
C LEU A 167 16.03 -3.93 -18.59
N HIS A 168 16.31 -5.21 -18.35
CA HIS A 168 16.71 -6.16 -19.41
C HIS A 168 15.72 -6.24 -20.55
N ILE A 169 14.43 -6.31 -20.23
CA ILE A 169 13.37 -6.36 -21.23
C ILE A 169 13.32 -5.01 -21.99
N LEU A 170 13.35 -3.91 -21.26
CA LEU A 170 13.46 -2.60 -21.93
C LEU A 170 14.62 -2.56 -22.96
N PHE A 171 15.77 -3.14 -22.63
CA PHE A 171 16.98 -3.13 -23.52
C PHE A 171 16.93 -4.13 -24.69
N THR A 172 16.14 -5.19 -24.52
CA THR A 172 16.14 -6.32 -25.50
C THR A 172 14.78 -6.62 -26.14
N ASN A 173 13.69 -6.30 -25.45
CA ASN A 173 12.35 -6.61 -25.95
C ASN A 173 11.37 -5.45 -25.70
N LEU A 174 11.83 -4.24 -26.04
CA LEU A 174 11.13 -3.01 -25.67
C LEU A 174 9.64 -3.01 -26.00
N ASN A 175 9.28 -3.60 -27.14
CA ASN A 175 7.87 -3.53 -27.60
C ASN A 175 6.92 -4.38 -26.77
N ALA A 176 7.46 -5.24 -25.90
CA ALA A 176 6.60 -6.14 -25.11
C ALA A 176 5.66 -5.39 -24.13
N PHE A 177 6.05 -4.18 -23.72
CA PHE A 177 5.33 -3.40 -22.72
C PHE A 177 5.44 -1.93 -23.11
N GLN A 178 4.39 -1.16 -22.91
CA GLN A 178 4.44 0.24 -23.24
C GLN A 178 4.86 1.14 -22.03
N ASN A 179 4.90 0.56 -20.83
CA ASN A 179 5.43 1.25 -19.64
C ASN A 179 6.24 0.28 -18.80
N TYR A 180 7.27 0.84 -18.19
CA TYR A 180 8.22 0.14 -17.30
C TYR A 180 8.33 0.88 -16.00
N PHE A 181 8.02 0.21 -14.89
CA PHE A 181 8.09 0.84 -13.58
C PHE A 181 9.22 0.04 -12.94
N ILE A 182 10.39 0.65 -12.92
CA ILE A 182 11.64 -0.01 -12.56
C ILE A 182 12.17 0.51 -11.21
N SER A 183 12.06 -0.34 -10.17
CA SER A 183 12.31 0.10 -8.80
C SER A 183 13.59 -0.54 -8.30
N SER A 184 14.49 0.29 -7.75
CA SER A 184 15.81 -0.16 -7.28
C SER A 184 16.43 -1.33 -8.07
N PRO A 185 16.60 -1.14 -9.41
CA PRO A 185 17.06 -2.27 -10.21
C PRO A 185 18.44 -2.68 -9.78
N SER A 186 18.66 -3.99 -9.67
CA SER A 186 19.99 -4.54 -9.23
C SER A 186 20.99 -4.50 -10.39
N ILE A 187 21.34 -3.29 -10.84
CA ILE A 187 22.13 -3.14 -12.04
C ILE A 187 23.59 -3.58 -11.79
N TRP A 188 24.00 -3.54 -10.51
N TRP A 188 24.01 -3.55 -10.52
CA TRP A 188 25.34 -4.00 -10.06
CA TRP A 188 25.38 -4.00 -10.16
C TRP A 188 25.56 -5.46 -10.45
C TRP A 188 25.54 -5.51 -10.20
N TRP A 189 24.46 -6.21 -10.53
CA TRP A 189 24.45 -7.66 -10.64
C TRP A 189 25.36 -8.18 -11.75
N ASN A 190 26.17 -9.18 -11.41
CA ASN A 190 27.08 -9.79 -12.38
C ASN A 190 27.99 -8.78 -13.12
N ASN A 191 28.70 -7.97 -12.35
CA ASN A 191 29.57 -6.94 -12.92
C ASN A 191 28.88 -6.03 -13.94
N LYS A 192 27.66 -5.59 -13.60
CA LYS A 192 26.83 -4.71 -14.44
C LYS A 192 26.60 -5.26 -15.83
N SER A 193 26.42 -6.57 -15.95
CA SER A 193 26.30 -7.17 -17.29
C SER A 193 25.08 -6.64 -18.05
N VAL A 194 23.99 -6.37 -17.33
CA VAL A 194 22.78 -5.81 -17.94
C VAL A 194 23.06 -4.49 -18.65
N LEU A 195 23.93 -3.65 -18.08
CA LEU A 195 24.24 -2.33 -18.70
C LEU A 195 24.94 -2.43 -20.05
N GLU A 196 25.49 -3.58 -20.34
CA GLU A 196 26.14 -3.85 -21.63
C GLU A 196 25.15 -3.86 -22.80
N LYS A 197 23.86 -3.97 -22.51
N LYS A 197 23.86 -3.94 -22.51
CA LYS A 197 22.83 -3.92 -23.53
CA LYS A 197 22.84 -3.90 -23.54
C LYS A 197 22.05 -2.59 -23.59
C LYS A 197 22.14 -2.55 -23.67
N GLU A 198 22.47 -1.62 -22.78
CA GLU A 198 21.90 -0.25 -22.81
C GLU A 198 22.05 0.43 -24.20
N GLU A 199 23.20 0.19 -24.86
CA GLU A 199 23.41 0.44 -26.32
C GLU A 199 22.20 0.22 -27.23
N ASN A 200 21.44 -0.82 -26.94
CA ASN A 200 20.35 -1.30 -27.81
C ASN A 200 19.17 -0.34 -27.80
N LEU A 201 19.05 0.46 -26.71
CA LEU A 201 17.82 1.21 -26.49
C LEU A 201 17.47 2.14 -27.64
N ILE A 202 18.43 2.97 -28.06
CA ILE A 202 18.12 3.92 -29.12
C ILE A 202 17.76 3.19 -30.44
N ILE A 203 18.38 2.03 -30.66
CA ILE A 203 18.09 1.22 -31.87
C ILE A 203 16.65 0.71 -31.77
N GLU A 204 16.29 0.19 -30.60
CA GLU A 204 14.91 -0.22 -30.35
C GLU A 204 13.90 0.88 -30.50
N LEU A 205 14.20 2.07 -29.96
CA LEU A 205 13.29 3.24 -30.07
C LEU A 205 13.02 3.64 -31.51
N ASN A 206 14.05 3.59 -32.36
CA ASN A 206 13.87 3.85 -33.81
C ASN A 206 12.85 2.95 -34.50
N ASN A 207 12.55 1.82 -33.89
CA ASN A 207 11.50 0.95 -34.39
C ASN A 207 10.32 0.68 -33.45
N ALA A 208 10.24 1.41 -32.34
CA ALA A 208 9.17 1.18 -31.37
C ALA A 208 7.82 1.48 -32.00
N LYS A 209 6.83 0.67 -31.68
CA LYS A 209 5.49 0.86 -32.11
C LYS A 209 4.78 2.00 -31.35
N PHE A 210 4.99 2.10 -30.04
CA PHE A 210 4.25 3.08 -29.18
C PHE A 210 5.25 3.85 -28.35
N GLU A 211 4.86 5.07 -27.97
CA GLU A 211 5.64 5.85 -26.98
C GLU A 211 5.73 5.03 -25.70
N THR A 212 6.95 4.88 -25.22
CA THR A 212 7.31 4.03 -24.11
C THR A 212 7.68 4.87 -22.89
N GLY A 213 6.94 4.65 -21.80
CA GLY A 213 7.19 5.34 -20.51
C GLY A 213 8.07 4.51 -19.62
N VAL A 214 9.11 5.15 -19.09
CA VAL A 214 10.03 4.49 -18.15
C VAL A 214 10.09 5.32 -16.87
N PHE A 215 9.68 4.73 -15.75
CA PHE A 215 9.69 5.42 -14.44
C PHE A 215 10.72 4.65 -13.59
N LEU A 216 11.79 5.32 -13.23
CA LEU A 216 12.87 4.73 -12.45
C LEU A 216 12.89 5.32 -11.04
N THR A 217 13.03 4.46 -10.03
CA THR A 217 12.97 4.96 -8.65
C THR A 217 14.01 4.24 -7.79
N VAL A 218 14.44 4.88 -6.71
CA VAL A 218 15.45 4.36 -5.81
C VAL A 218 15.26 5.11 -4.45
N GLY A 219 15.56 4.43 -3.35
CA GLY A 219 15.54 5.06 -2.02
C GLY A 219 16.87 5.73 -1.75
N SER A 220 16.83 6.98 -1.25
CA SER A 220 18.06 7.76 -0.94
C SER A 220 18.98 7.10 0.09
N LEU A 221 18.42 6.29 0.98
CA LEU A 221 19.21 5.65 2.01
C LEU A 221 19.70 4.27 1.64
N GLU A 222 19.45 3.81 0.41
CA GLU A 222 20.05 2.58 -0.12
C GLU A 222 21.58 2.70 -0.19
N ARG A 223 22.24 1.54 -0.29
CA ARG A 223 23.71 1.51 -0.36
C ARG A 223 24.24 2.40 -1.51
N GLU A 224 25.37 3.06 -1.26
CA GLU A 224 25.94 4.00 -2.21
C GLU A 224 26.00 3.52 -3.67
N HIS A 225 26.45 2.30 -3.91
CA HIS A 225 26.55 1.80 -5.29
C HIS A 225 25.19 1.76 -5.98
N MSE A 226 24.15 1.38 -5.24
CA MSE A 226 22.77 1.41 -5.78
C MSE A 226 22.29 2.84 -6.09
O MSE A 226 21.83 3.11 -7.20
CB MSE A 226 21.81 0.70 -4.81
CG MSE A 226 20.31 0.67 -5.25
SE MSE A 226 20.04 -0.41 -6.86
CE MSE A 226 19.32 0.92 -8.06
N VAL A 227 22.38 3.74 -5.12
CA VAL A 227 21.99 5.14 -5.32
C VAL A 227 22.76 5.80 -6.48
N VAL A 228 24.07 5.64 -6.49
CA VAL A 228 24.90 6.21 -7.58
C VAL A 228 24.58 5.59 -8.95
N GLY A 229 24.52 4.27 -9.03
CA GLY A 229 24.13 3.58 -10.27
C GLY A 229 22.79 4.07 -10.82
N ALA A 230 21.80 4.25 -9.96
CA ALA A 230 20.47 4.64 -10.41
C ALA A 230 20.46 6.09 -10.91
N ASN A 231 21.20 6.97 -10.21
CA ASN A 231 21.34 8.36 -10.62
C ASN A 231 22.09 8.51 -11.95
N GLU A 232 23.11 7.68 -12.16
CA GLU A 232 23.87 7.70 -13.42
C GLU A 232 23.03 7.23 -14.59
N LEU A 233 22.29 6.15 -14.36
CA LEU A 233 21.42 5.62 -15.38
C LEU A 233 20.40 6.69 -15.67
N SER A 234 19.87 7.36 -14.62
CA SER A 234 18.83 8.33 -14.85
C SER A 234 19.35 9.46 -15.75
N GLU A 235 20.61 9.85 -15.59
CA GLU A 235 21.13 10.97 -16.39
C GLU A 235 21.32 10.54 -17.83
N ARG A 236 21.67 9.27 -18.04
CA ARG A 236 21.82 8.76 -19.40
C ARG A 236 20.43 8.71 -20.10
N LEU A 237 19.40 8.28 -19.38
CA LEU A 237 18.05 8.11 -19.96
C LEU A 237 17.40 9.47 -20.21
N LEU A 238 17.67 10.42 -19.32
CA LEU A 238 17.18 11.78 -19.49
C LEU A 238 17.82 12.50 -20.71
N GLN A 239 19.08 12.17 -21.01
CA GLN A 239 19.81 12.69 -22.18
C GLN A 239 19.20 12.26 -23.51
N VAL A 240 18.46 11.14 -23.52
CA VAL A 240 17.85 10.67 -24.73
C VAL A 240 16.77 11.67 -25.09
N ASN A 241 16.67 11.98 -26.38
CA ASN A 241 15.66 12.92 -26.82
C ASN A 241 14.94 12.27 -27.99
N HIS A 242 13.95 11.44 -27.68
CA HIS A 242 13.29 10.64 -28.70
C HIS A 242 11.78 10.62 -28.50
N ASP A 243 11.02 10.77 -29.59
CA ASP A 243 9.56 10.75 -29.51
C ASP A 243 8.93 9.49 -28.85
N LYS A 244 9.66 8.37 -28.88
CA LYS A 244 9.14 7.09 -28.44
C LYS A 244 9.54 6.77 -26.99
N LEU A 245 10.24 7.69 -26.33
CA LEU A 245 10.64 7.49 -24.92
C LEU A 245 10.24 8.66 -24.04
N LYS A 246 9.46 8.35 -23.02
N LYS A 246 9.45 8.36 -23.01
CA LYS A 246 9.17 9.33 -21.98
CA LYS A 246 9.13 9.34 -21.96
C LYS A 246 9.78 8.76 -20.72
C LYS A 246 9.68 8.84 -20.64
N PHE A 247 10.70 9.53 -20.12
CA PHE A 247 11.43 9.06 -18.94
C PHE A 247 11.18 9.94 -17.71
N LYS A 248 11.04 9.31 -16.54
CA LYS A 248 10.97 10.01 -15.26
C LYS A 248 11.76 9.24 -14.19
N PHE A 249 12.53 10.00 -13.42
CA PHE A 249 13.30 9.49 -12.28
C PHE A 249 12.80 10.05 -10.94
N TYR A 250 12.75 9.21 -9.91
CA TYR A 250 12.39 9.68 -8.58
C TYR A 250 13.22 9.01 -7.51
N GLU A 251 14.07 9.81 -6.87
CA GLU A 251 14.79 9.36 -5.69
C GLU A 251 13.98 9.70 -4.44
N ALA A 252 13.52 8.64 -3.77
CA ALA A 252 12.64 8.78 -2.58
C ALA A 252 13.45 9.15 -1.35
N GLU A 253 13.32 10.39 -0.90
CA GLU A 253 14.17 10.86 0.18
C GLU A 253 13.79 10.21 1.51
N GLY A 254 14.78 9.66 2.22
CA GLY A 254 14.55 9.04 3.53
C GLY A 254 14.14 7.58 3.47
N GLU A 255 14.00 7.04 2.24
CA GLU A 255 13.48 5.69 2.06
C GLU A 255 14.63 4.69 1.77
N ASN A 256 14.41 3.44 2.16
CA ASN A 256 15.40 2.38 2.05
C ASN A 256 14.95 1.33 1.00
N HIS A 257 15.75 0.26 0.84
CA HIS A 257 15.50 -0.73 -0.24
C HIS A 257 14.11 -1.38 -0.17
N ALA A 258 13.62 -1.59 1.06
CA ALA A 258 12.32 -2.23 1.29
C ALA A 258 11.09 -1.28 1.30
N SER A 259 11.30 0.01 1.44
CA SER A 259 10.18 0.96 1.62
C SER A 259 9.97 1.85 0.38
N VAL A 260 10.91 1.84 -0.57
CA VAL A 260 10.78 2.71 -1.79
C VAL A 260 9.51 2.33 -2.59
N VAL A 261 9.14 1.05 -2.60
CA VAL A 261 8.03 0.66 -3.47
C VAL A 261 6.70 1.33 -3.02
N PRO A 262 6.22 1.08 -1.78
CA PRO A 262 4.96 1.78 -1.40
C PRO A 262 5.04 3.31 -1.47
N THR A 263 6.21 3.85 -1.15
CA THR A 263 6.41 5.33 -1.11
C THR A 263 6.24 5.95 -2.54
N SER A 264 6.83 5.27 -3.53
N SER A 264 6.82 5.29 -3.54
CA SER A 264 6.87 5.73 -4.93
CA SER A 264 6.83 5.77 -4.94
C SER A 264 5.67 5.27 -5.75
C SER A 264 5.66 5.26 -5.76
N LEU A 265 4.84 4.41 -5.16
CA LEU A 265 3.82 3.68 -5.90
C LEU A 265 2.88 4.63 -6.63
N SER A 266 2.44 5.66 -5.92
CA SER A 266 1.39 6.53 -6.48
C SER A 266 1.96 7.42 -7.60
N LYS A 267 3.15 7.93 -7.40
CA LYS A 267 3.84 8.67 -8.46
C LYS A 267 3.98 7.77 -9.71
N GLY A 268 4.38 6.50 -9.50
CA GLY A 268 4.47 5.50 -10.58
C GLY A 268 3.14 5.29 -11.25
N LEU A 269 2.07 5.07 -10.46
CA LEU A 269 0.75 4.84 -11.00
C LEU A 269 0.28 6.05 -11.84
N ARG A 270 0.54 7.29 -11.36
CA ARG A 270 0.22 8.49 -12.15
C ARG A 270 1.00 8.52 -13.48
N PHE A 271 2.26 8.11 -13.43
CA PHE A 271 3.14 8.19 -14.60
C PHE A 271 2.67 7.21 -15.67
N ILE A 272 2.28 5.99 -15.27
CA ILE A 272 1.86 4.94 -16.24
C ILE A 272 0.40 5.03 -16.69
N SER A 273 -0.38 5.92 -16.09
CA SER A 273 -1.82 5.91 -16.29
C SER A 273 -2.20 6.77 -17.51
N TYR A 274 -3.44 6.61 -17.95
CA TYR A 274 -3.99 7.19 -19.16
C TYR A 274 -5.20 8.06 -18.87
N VAL A 275 -5.06 9.00 -17.94
CA VAL A 275 -6.12 9.97 -17.67
C VAL A 275 -5.65 11.36 -18.13
N VAL B 8 -4.75 -23.76 -17.27
CA VAL B 8 -4.93 -22.84 -16.09
C VAL B 8 -5.95 -23.41 -15.08
N GLU B 9 -5.57 -23.43 -13.81
CA GLU B 9 -6.42 -23.91 -12.73
C GLU B 9 -6.83 -22.68 -11.91
N LYS B 10 -8.14 -22.39 -11.89
N LYS B 10 -8.13 -22.41 -11.85
CA LYS B 10 -8.70 -21.25 -11.18
CA LYS B 10 -8.63 -21.21 -11.19
C LYS B 10 -8.75 -21.48 -9.66
C LYS B 10 -8.85 -21.39 -9.68
N GLN B 11 -8.24 -20.50 -8.92
CA GLN B 11 -8.17 -20.58 -7.48
C GLN B 11 -8.66 -19.29 -6.81
N GLN B 12 -8.66 -19.30 -5.48
CA GLN B 12 -8.88 -18.12 -4.65
C GLN B 12 -7.59 -17.75 -3.94
N ILE B 13 -7.33 -16.44 -3.79
CA ILE B 13 -6.15 -15.97 -3.08
C ILE B 13 -6.42 -16.18 -1.59
N ILE B 14 -5.52 -16.91 -0.93
CA ILE B 14 -5.60 -17.12 0.49
C ILE B 14 -4.30 -16.73 1.14
N THR B 15 -4.30 -15.66 1.94
CA THR B 15 -3.06 -15.21 2.49
C THR B 15 -2.65 -15.87 3.77
N SER B 16 -1.42 -16.38 3.74
CA SER B 16 -0.79 -16.98 4.87
C SER B 16 -0.83 -16.07 6.12
N ASN B 17 -1.01 -16.69 7.29
CA ASN B 17 -0.91 -15.99 8.58
C ASN B 17 -1.93 -14.85 8.70
N THR B 18 -3.06 -15.03 8.03
CA THR B 18 -4.16 -14.11 8.18
C THR B 18 -5.46 -14.86 8.47
N GLU B 19 -6.41 -14.12 9.01
CA GLU B 19 -7.73 -14.63 9.30
C GLU B 19 -8.71 -13.48 9.37
N GLN B 20 -9.99 -13.83 9.31
CA GLN B 20 -11.11 -12.91 9.34
C GLN B 20 -12.06 -13.32 10.45
N TRP B 21 -12.53 -12.34 11.22
CA TRP B 21 -13.55 -12.60 12.26
C TRP B 21 -14.80 -11.81 11.97
N LYS B 22 -15.94 -12.44 12.21
CA LYS B 22 -17.23 -11.79 12.22
C LYS B 22 -17.59 -11.47 13.68
N MSE B 23 -17.93 -10.21 13.96
CA MSE B 23 -18.37 -9.75 15.27
C MSE B 23 -19.60 -8.86 15.16
O MSE B 23 -19.81 -8.21 14.15
CB MSE B 23 -17.26 -8.99 15.99
CG MSE B 23 -15.96 -9.77 16.03
SE MSE B 23 -14.64 -8.95 17.16
CE MSE B 23 -15.45 -9.21 18.91
N TYR B 24 -20.42 -8.88 16.22
CA TYR B 24 -21.48 -7.88 16.40
C TYR B 24 -21.25 -7.10 17.71
N SER B 25 -21.35 -5.79 17.67
CA SER B 25 -21.19 -5.01 18.89
C SER B 25 -22.29 -5.42 19.88
N LYS B 26 -21.94 -5.40 21.18
CA LYS B 26 -22.84 -5.83 22.26
C LYS B 26 -24.11 -4.97 22.30
N LEU B 27 -23.92 -3.66 22.32
CA LEU B 27 -24.98 -2.68 22.52
C LEU B 27 -25.94 -2.54 21.32
N GLU B 28 -25.41 -2.52 20.10
CA GLU B 28 -26.21 -2.16 18.92
C GLU B 28 -26.45 -3.33 17.96
N GLY B 29 -25.69 -4.42 18.12
CA GLY B 29 -25.70 -5.49 17.10
C GLY B 29 -25.09 -5.10 15.74
N LYS B 30 -24.26 -4.06 15.74
N LYS B 30 -24.22 -4.10 15.74
CA LYS B 30 -23.51 -3.65 14.53
CA LYS B 30 -23.58 -3.66 14.50
C LYS B 30 -22.53 -4.73 14.10
C LYS B 30 -22.48 -4.63 14.06
N GLU B 31 -22.60 -5.16 12.84
CA GLU B 31 -21.68 -6.17 12.32
C GLU B 31 -20.36 -5.56 11.81
N TYR B 32 -19.27 -6.15 12.30
CA TYR B 32 -17.91 -5.78 11.88
C TYR B 32 -17.20 -6.97 11.25
N GLN B 33 -16.32 -6.67 10.29
CA GLN B 33 -15.42 -7.66 9.70
C GLN B 33 -14.00 -7.33 10.15
N ILE B 34 -13.39 -8.19 10.95
CA ILE B 34 -12.06 -7.92 11.47
C ILE B 34 -11.06 -8.75 10.66
N HIS B 35 -9.98 -8.10 10.18
CA HIS B 35 -8.93 -8.84 9.48
C HIS B 35 -7.71 -8.83 10.37
N ILE B 36 -7.07 -9.99 10.53
CA ILE B 36 -5.86 -10.09 11.37
C ILE B 36 -4.66 -10.72 10.66
N SER B 37 -3.52 -10.05 10.78
CA SER B 37 -2.26 -10.50 10.20
C SER B 37 -1.33 -10.73 11.38
N LYS B 38 -0.69 -11.89 11.40
CA LYS B 38 0.28 -12.18 12.42
C LYS B 38 1.66 -12.33 11.77
N PRO B 39 2.70 -11.72 12.36
CA PRO B 39 4.06 -11.99 11.86
C PRO B 39 4.45 -13.46 11.89
N LYS B 40 5.24 -13.88 10.91
CA LYS B 40 5.92 -15.17 10.86
C LYS B 40 6.92 -15.33 12.04
N GLN B 41 7.75 -14.29 12.26
CA GLN B 41 8.68 -14.19 13.40
C GLN B 41 7.93 -14.40 14.73
N PRO B 42 8.56 -15.06 15.72
CA PRO B 42 7.86 -15.29 16.99
C PRO B 42 7.71 -13.99 17.78
N ALA B 43 6.71 -13.95 18.67
CA ALA B 43 6.49 -12.80 19.55
C ALA B 43 7.69 -12.52 20.42
N PRO B 44 8.03 -11.23 20.64
CA PRO B 44 9.05 -11.02 21.68
C PRO B 44 8.48 -11.44 23.04
N ASP B 45 9.33 -11.59 24.05
CA ASP B 45 8.88 -12.01 25.39
C ASP B 45 7.64 -11.28 25.89
N SER B 46 7.58 -9.97 25.67
CA SER B 46 6.45 -9.18 26.16
C SER B 46 5.30 -9.06 25.14
N GLY B 47 5.38 -9.83 24.05
CA GLY B 47 4.32 -9.82 23.04
C GLY B 47 4.54 -8.94 21.80
N TYR B 48 3.70 -9.14 20.80
CA TYR B 48 3.78 -8.37 19.56
C TYR B 48 3.21 -6.96 19.75
N PRO B 49 3.90 -5.93 19.21
CA PRO B 49 3.22 -4.65 19.02
C PRO B 49 1.99 -4.87 18.14
N VAL B 50 1.01 -3.98 18.18
CA VAL B 50 -0.22 -4.20 17.42
C VAL B 50 -0.70 -2.90 16.76
N ILE B 51 -1.16 -3.00 15.51
CA ILE B 51 -1.63 -1.80 14.81
C ILE B 51 -3.10 -1.97 14.48
N TYR B 52 -3.95 -1.09 15.01
CA TYR B 52 -5.36 -1.11 14.68
C TYR B 52 -5.59 -0.15 13.52
N VAL B 53 -6.16 -0.67 12.43
CA VAL B 53 -6.31 0.07 11.16
C VAL B 53 -7.80 0.27 10.92
N LEU B 54 -8.29 1.49 11.10
CA LEU B 54 -9.69 1.80 10.75
C LEU B 54 -9.88 1.83 9.21
N ASP B 55 -11.13 1.65 8.74
CA ASP B 55 -11.38 1.37 7.31
C ASP B 55 -10.50 0.17 6.88
N GLY B 56 -10.49 -0.87 7.71
CA GLY B 56 -9.69 -2.09 7.41
C GLY B 56 -9.85 -2.63 5.99
N ASN B 57 -11.08 -2.61 5.45
CA ASN B 57 -11.28 -3.12 4.07
C ASN B 57 -10.40 -2.39 3.06
N ALA B 58 -10.09 -1.12 3.37
CA ALA B 58 -9.36 -0.25 2.43
C ALA B 58 -7.86 -0.39 2.53
N PHE B 59 -7.36 -0.62 3.74
CA PHE B 59 -5.94 -0.45 4.04
C PHE B 59 -5.24 -1.66 4.68
N PHE B 60 -5.98 -2.69 5.07
CA PHE B 60 -5.35 -3.83 5.80
C PHE B 60 -4.20 -4.47 5.00
N GLN B 61 -4.44 -4.79 3.73
CA GLN B 61 -3.43 -5.60 2.97
C GLN B 61 -2.16 -4.74 2.74
N THR B 62 -2.36 -3.44 2.50
CA THR B 62 -1.22 -2.51 2.40
C THR B 62 -0.35 -2.50 3.66
N PHE B 63 -0.99 -2.42 4.83
CA PHE B 63 -0.25 -2.50 6.08
C PHE B 63 0.41 -3.86 6.20
N HIS B 64 -0.39 -4.91 5.99
CA HIS B 64 0.12 -6.29 6.09
C HIS B 64 1.38 -6.46 5.21
N GLU B 65 1.28 -6.07 3.93
CA GLU B 65 2.40 -6.34 2.96
C GLU B 65 3.68 -5.59 3.35
N ALA B 66 3.54 -4.33 3.72
CA ALA B 66 4.68 -3.49 4.12
C ALA B 66 5.37 -4.01 5.38
N VAL B 67 4.58 -4.39 6.39
CA VAL B 67 5.17 -4.94 7.62
C VAL B 67 5.88 -6.25 7.31
N LYS B 68 5.24 -7.10 6.52
CA LYS B 68 5.78 -8.42 6.19
C LYS B 68 7.15 -8.29 5.51
N ILE B 69 7.29 -7.33 4.56
CA ILE B 69 8.55 -7.09 3.89
C ILE B 69 9.57 -6.37 4.77
N GLN B 70 9.17 -5.25 5.36
CA GLN B 70 10.10 -4.36 6.02
C GLN B 70 10.58 -4.87 7.38
N SER B 71 9.73 -5.63 8.07
CA SER B 71 10.05 -6.04 9.43
C SER B 71 11.09 -7.18 9.48
N VAL B 72 11.37 -7.82 8.33
CA VAL B 72 12.38 -8.88 8.21
C VAL B 72 13.78 -8.35 8.51
N ARG B 73 14.04 -7.11 8.10
N ARG B 73 14.07 -7.11 8.09
CA ARG B 73 15.36 -6.49 8.22
CA ARG B 73 15.41 -6.54 8.28
C ARG B 73 15.22 -5.19 9.03
C ARG B 73 15.27 -5.22 9.04
N ALA B 74 14.71 -5.34 10.24
CA ALA B 74 14.32 -4.21 11.09
C ALA B 74 15.42 -3.21 11.41
N GLU B 75 16.67 -3.68 11.53
CA GLU B 75 17.80 -2.79 11.79
C GLU B 75 18.08 -1.93 10.56
N LYS B 76 17.74 -2.43 9.39
CA LYS B 76 17.88 -1.63 8.20
C LYS B 76 16.63 -0.77 7.94
N THR B 77 15.43 -1.33 8.14
CA THR B 77 14.21 -0.61 7.78
C THR B 77 13.63 0.24 8.91
N GLY B 78 13.98 -0.11 10.15
CA GLY B 78 13.36 0.51 11.32
C GLY B 78 11.92 0.09 11.61
N VAL B 79 11.47 -1.00 11.01
CA VAL B 79 10.10 -1.45 11.17
C VAL B 79 10.06 -2.73 11.99
N SER B 80 9.38 -2.67 13.14
CA SER B 80 9.19 -3.83 14.04
C SER B 80 8.10 -4.72 13.50
N PRO B 81 8.27 -6.05 13.62
CA PRO B 81 7.14 -6.94 13.31
C PRO B 81 5.94 -6.60 14.22
N ALA B 82 4.75 -6.47 13.64
CA ALA B 82 3.55 -6.09 14.41
C ALA B 82 2.38 -6.88 13.90
N ILE B 83 1.44 -7.20 14.79
CA ILE B 83 0.12 -7.74 14.41
C ILE B 83 -0.70 -6.59 13.79
N ILE B 84 -1.32 -6.87 12.66
CA ILE B 84 -2.23 -5.87 12.07
C ILE B 84 -3.68 -6.30 12.31
N VAL B 85 -4.51 -5.39 12.83
CA VAL B 85 -5.93 -5.62 13.00
C VAL B 85 -6.70 -4.58 12.13
N GLY B 86 -7.26 -5.06 11.03
CA GLY B 86 -8.09 -4.22 10.17
C GLY B 86 -9.49 -4.22 10.74
N VAL B 87 -9.99 -3.03 11.06
CA VAL B 87 -11.29 -2.93 11.69
C VAL B 87 -12.18 -2.54 10.55
N GLY B 88 -12.86 -3.51 9.97
CA GLY B 88 -13.66 -3.30 8.76
C GLY B 88 -15.11 -3.69 8.86
N TYR B 89 -15.73 -3.80 7.68
CA TYR B 89 -17.18 -3.99 7.57
C TYR B 89 -17.47 -5.13 6.59
N PRO B 90 -18.67 -5.75 6.72
CA PRO B 90 -18.96 -6.84 5.74
C PRO B 90 -19.37 -6.27 4.38
N ILE B 91 -18.37 -5.81 3.60
CA ILE B 91 -18.58 -5.08 2.34
C ILE B 91 -17.61 -5.58 1.29
N GLU B 92 -17.93 -5.37 0.01
CA GLU B 92 -16.99 -5.70 -1.05
C GLU B 92 -16.06 -4.56 -1.45
N GLY B 93 -16.46 -3.31 -1.18
CA GLY B 93 -15.69 -2.10 -1.49
C GLY B 93 -14.60 -1.78 -0.47
N ALA B 94 -13.93 -0.66 -0.64
CA ALA B 94 -12.87 -0.23 0.31
C ALA B 94 -13.51 0.43 1.55
N PHE B 95 -14.58 1.18 1.31
CA PHE B 95 -15.17 2.03 2.35
C PHE B 95 -16.66 1.79 2.48
N SER B 96 -17.12 1.71 3.72
CA SER B 96 -18.53 1.72 3.99
C SER B 96 -18.99 3.17 3.78
N GLY B 97 -20.28 3.42 3.84
CA GLY B 97 -20.75 4.78 3.71
C GLY B 97 -21.23 5.25 5.05
N GLU B 98 -22.44 4.83 5.38
CA GLU B 98 -23.10 5.25 6.61
C GLU B 98 -22.45 4.67 7.85
N GLU B 99 -21.97 3.43 7.77
CA GLU B 99 -21.41 2.77 8.94
C GLU B 99 -20.18 3.53 9.44
N ARG B 100 -19.25 3.88 8.55
CA ARG B 100 -18.05 4.59 9.03
C ARG B 100 -18.37 6.03 9.48
N CYS B 101 -19.33 6.65 8.80
CA CYS B 101 -19.71 8.00 9.14
C CYS B 101 -20.24 8.05 10.56
N TYR B 102 -21.06 7.05 10.90
CA TYR B 102 -21.58 6.95 12.26
C TYR B 102 -20.49 6.60 13.29
N ASP B 103 -19.66 5.60 12.97
CA ASP B 103 -18.62 5.15 13.90
C ASP B 103 -17.59 6.20 14.24
N PHE B 104 -17.28 7.07 13.28
CA PHE B 104 -16.11 7.92 13.40
C PHE B 104 -16.42 9.28 13.97
N THR B 105 -17.69 9.64 13.99
CA THR B 105 -18.06 11.00 14.35
C THR B 105 -18.51 11.09 15.82
N PRO B 106 -17.87 11.99 16.58
CA PRO B 106 -18.17 12.03 18.02
C PRO B 106 -19.46 12.76 18.38
N SER B 107 -19.89 13.70 17.54
CA SER B 107 -21.13 14.45 17.82
C SER B 107 -22.23 14.24 16.76
N VAL B 108 -23.47 14.58 17.16
CA VAL B 108 -24.59 14.57 16.25
C VAL B 108 -24.65 15.92 15.53
N ILE B 109 -24.64 15.86 14.21
CA ILE B 109 -24.92 17.04 13.40
C ILE B 109 -26.32 17.51 13.77
N SER B 110 -26.45 18.80 14.09
N SER B 110 -26.44 18.79 14.09
CA SER B 110 -27.73 19.44 14.41
CA SER B 110 -27.74 19.43 14.42
C SER B 110 -28.83 19.01 13.46
C SER B 110 -28.87 18.95 13.52
N LYS B 111 -29.98 18.59 13.99
N LYS B 111 -30.03 18.68 14.12
CA LYS B 111 -31.10 18.22 13.13
CA LYS B 111 -31.22 18.29 13.35
C LYS B 111 -31.58 19.39 12.26
C LYS B 111 -31.74 19.44 12.45
N ASP B 112 -31.13 20.61 12.59
CA ASP B 112 -31.44 21.79 11.80
C ASP B 112 -30.41 22.10 10.69
N ALA B 113 -29.43 21.22 10.50
CA ALA B 113 -28.42 21.42 9.45
C ALA B 113 -29.09 21.47 8.08
N PRO B 114 -28.80 22.53 7.29
CA PRO B 114 -29.46 22.63 5.98
C PRO B 114 -28.96 21.53 5.05
N LEU B 115 -29.79 21.15 4.09
CA LEU B 115 -29.44 20.11 3.14
C LEU B 115 -28.81 20.74 1.90
N LYS B 116 -27.99 19.96 1.19
CA LYS B 116 -27.41 20.40 -0.07
C LYS B 116 -28.50 20.41 -1.14
N PRO B 117 -28.24 21.06 -2.29
CA PRO B 117 -29.25 20.97 -3.36
C PRO B 117 -29.78 19.54 -3.59
N ASP B 118 -28.95 18.51 -3.45
CA ASP B 118 -29.35 17.12 -3.70
C ASP B 118 -30.52 16.60 -2.82
N GLY B 119 -30.81 17.28 -1.71
CA GLY B 119 -32.00 17.00 -0.92
C GLY B 119 -31.85 15.78 -0.04
N LYS B 120 -30.66 15.20 -0.04
CA LYS B 120 -30.33 14.03 0.74
C LYS B 120 -30.31 14.35 2.25
N PRO B 121 -31.03 13.56 3.07
CA PRO B 121 -30.95 13.74 4.53
C PRO B 121 -29.51 13.48 4.98
N TRP B 122 -29.07 14.16 6.03
CA TRP B 122 -27.74 13.96 6.56
C TRP B 122 -27.59 12.52 7.03
N PRO B 123 -26.38 11.95 6.88
CA PRO B 123 -26.12 10.58 7.38
C PRO B 123 -26.15 10.54 8.91
N LYS B 124 -26.36 9.36 9.48
N LYS B 124 -26.40 9.37 9.49
CA LYS B 124 -26.30 9.18 10.93
CA LYS B 124 -26.32 9.22 10.95
C LYS B 124 -24.89 9.53 11.45
C LYS B 124 -24.91 9.53 11.46
N THR B 125 -24.85 10.33 12.52
CA THR B 125 -23.59 10.78 13.10
C THR B 125 -23.61 10.60 14.61
N GLY B 126 -22.43 10.67 15.23
CA GLY B 126 -22.33 10.67 16.70
C GLY B 126 -22.07 9.31 17.35
N GLY B 127 -21.66 8.34 16.57
CA GLY B 127 -21.38 6.99 17.08
C GLY B 127 -19.99 6.72 17.63
N ALA B 128 -19.11 7.74 17.71
CA ALA B 128 -17.71 7.54 18.09
C ALA B 128 -17.60 6.92 19.47
N HIS B 129 -18.43 7.39 20.41
CA HIS B 129 -18.39 6.85 21.76
C HIS B 129 -18.67 5.34 21.76
N ASN B 130 -19.73 4.91 21.09
CA ASN B 130 -20.08 3.49 21.00
C ASN B 130 -19.02 2.66 20.27
N PHE B 131 -18.38 3.28 19.28
CA PHE B 131 -17.36 2.59 18.48
C PHE B 131 -16.16 2.33 19.34
N PHE B 132 -15.79 3.32 20.13
CA PHE B 132 -14.65 3.22 21.03
C PHE B 132 -14.93 2.16 22.08
N THR B 133 -16.18 2.09 22.56
CA THR B 133 -16.61 1.03 23.49
C THR B 133 -16.45 -0.33 22.83
N PHE B 134 -16.90 -0.45 21.57
CA PHE B 134 -16.73 -1.69 20.83
C PHE B 134 -15.24 -2.06 20.73
N ILE B 135 -14.42 -1.11 20.27
CA ILE B 135 -12.99 -1.39 20.21
C ILE B 135 -12.37 -1.83 21.56
N GLU B 136 -12.57 -1.01 22.61
CA GLU B 136 -11.87 -1.16 23.89
C GLU B 136 -12.31 -2.34 24.73
N GLU B 137 -13.61 -2.59 24.72
CA GLU B 137 -14.23 -3.55 25.62
C GLU B 137 -14.54 -4.86 24.94
N GLU B 138 -14.61 -4.85 23.59
CA GLU B 138 -15.03 -6.05 22.85
C GLU B 138 -13.94 -6.62 21.93
N LEU B 139 -13.47 -5.80 20.99
CA LEU B 139 -12.47 -6.25 20.03
C LEU B 139 -11.10 -6.54 20.69
N LYS B 140 -10.56 -5.58 21.45
CA LYS B 140 -9.22 -5.74 22.01
C LYS B 140 -9.05 -6.95 22.95
N PRO B 141 -10.01 -7.21 23.86
CA PRO B 141 -9.83 -8.38 24.71
C PRO B 141 -9.80 -9.64 23.87
N GLN B 142 -10.58 -9.65 22.79
CA GLN B 142 -10.67 -10.79 21.89
C GLN B 142 -9.34 -10.99 21.14
N ILE B 143 -8.74 -9.90 20.63
CA ILE B 143 -7.38 -9.93 20.08
C ILE B 143 -6.34 -10.38 21.12
N GLU B 144 -6.47 -9.88 22.35
CA GLU B 144 -5.49 -10.16 23.41
C GLU B 144 -5.59 -11.60 23.95
N LYS B 145 -6.76 -12.20 23.78
CA LYS B 145 -7.02 -13.62 24.12
C LYS B 145 -6.41 -14.58 23.07
N ASN B 146 -6.45 -14.17 21.80
CA ASN B 146 -6.06 -15.03 20.69
C ASN B 146 -4.64 -14.84 20.16
N PHE B 147 -3.98 -13.80 20.68
CA PHE B 147 -2.64 -13.41 20.25
C PHE B 147 -1.85 -12.88 21.43
N GLU B 148 -0.53 -13.04 21.39
CA GLU B 148 0.35 -12.46 22.41
C GLU B 148 0.62 -10.99 22.06
N ILE B 149 0.00 -10.10 22.82
CA ILE B 149 0.03 -8.66 22.52
C ILE B 149 0.87 -7.94 23.55
N ASP B 150 1.75 -7.06 23.09
CA ASP B 150 2.35 -6.09 23.97
C ASP B 150 1.40 -4.88 24.16
N LYS B 151 0.72 -4.84 25.31
CA LYS B 151 -0.32 -3.85 25.51
C LYS B 151 0.19 -2.42 25.71
N GLY B 152 1.51 -2.27 25.81
CA GLY B 152 2.16 -0.96 25.82
C GLY B 152 2.71 -0.52 24.44
N LYS B 153 2.46 -1.33 23.40
CA LYS B 153 2.94 -1.03 22.03
C LYS B 153 1.80 -1.13 21.03
N GLN B 154 0.74 -0.35 21.27
CA GLN B 154 -0.45 -0.31 20.44
C GLN B 154 -0.56 0.98 19.62
N THR B 155 -0.91 0.83 18.35
CA THR B 155 -1.11 1.97 17.45
C THR B 155 -2.54 2.03 16.93
N LEU B 156 -3.06 3.24 16.81
CA LEU B 156 -4.30 3.50 16.07
C LEU B 156 -4.00 4.25 14.79
N PHE B 157 -4.38 3.66 13.66
CA PHE B 157 -4.32 4.36 12.38
C PHE B 157 -5.70 4.75 11.92
N GLY B 158 -5.84 5.99 11.45
CA GLY B 158 -7.08 6.46 10.81
C GLY B 158 -6.77 7.49 9.73
N HIS B 159 -7.45 7.38 8.60
CA HIS B 159 -7.31 8.33 7.51
C HIS B 159 -8.65 9.06 7.26
N SVY B 160 -8.64 10.35 6.98
N SVY B 160 -8.66 10.35 6.96
CA SVY B 160 -9.98 10.82 6.61
CA SVY B 160 -10.00 10.75 6.60
C SVY B 160 -10.92 11.09 7.75
C SVY B 160 -10.91 11.08 7.73
O SVY B 160 -10.50 11.63 8.81
O SVY B 160 -10.48 11.65 8.76
CB SVY B 160 -10.17 11.23 5.15
CB SVY B 160 -10.36 10.73 5.11
OG SVY B 160 -11.48 11.50 4.59
OG SVY B 160 -11.60 11.33 4.68
C1 SVY B 160 -12.50 9.05 2.10
C1 SVY B 160 -12.39 8.47 2.93
C2 SVY B 160 -11.71 7.73 2.26
C2 SVY B 160 -11.24 7.55 2.60
C3 SVY B 160 -12.85 9.36 0.64
C3 SVY B 160 -13.55 8.29 1.93
C1' SVY B 160 -14.53 11.94 4.71
C1' SVY B 160 -14.18 12.61 2.77
C2' SVY B 160 -14.45 13.21 5.56
C2' SVY B 160 -13.64 13.21 1.48
C3' SVY B 160 -15.77 11.69 3.85
C3' SVY B 160 -15.14 11.42 2.55
P SVY B 160 -12.66 10.49 4.08
P SVY B 160 -12.91 10.69 3.96
O1P SVY B 160 -11.79 10.11 2.77
O1P SVY B 160 -11.93 9.83 3.02
O2P SVY B 160 -13.40 11.88 3.87
O2P SVY B 160 -13.07 12.23 3.60
O3P SVY B 160 -12.54 9.76 5.46
O3P SVY B 160 -13.35 10.03 5.31
N LEU B 161 -12.15 10.61 7.63
CA LEU B 161 -13.04 10.58 8.80
C LEU B 161 -12.44 9.66 9.87
N GLY B 162 -11.73 8.61 9.46
CA GLY B 162 -10.98 7.80 10.43
C GLY B 162 -9.89 8.53 11.22
N GLY B 163 -9.22 9.47 10.56
CA GLY B 163 -8.26 10.33 11.25
C GLY B 163 -8.92 11.31 12.20
N LEU B 164 -10.11 11.79 11.83
CA LEU B 164 -10.96 12.55 12.79
C LEU B 164 -11.23 11.74 14.07
N PHE B 165 -11.66 10.49 13.90
CA PHE B 165 -11.85 9.62 15.03
C PHE B 165 -10.56 9.47 15.88
N ALA B 166 -9.45 9.19 15.21
CA ALA B 166 -8.16 8.98 15.90
C ALA B 166 -7.72 10.25 16.68
N LEU B 167 -7.91 11.43 16.07
CA LEU B 167 -7.67 12.73 16.76
C LEU B 167 -8.56 12.89 17.99
N HIS B 168 -9.82 12.54 17.83
CA HIS B 168 -10.76 12.58 18.95
C HIS B 168 -10.26 11.74 20.13
N ILE B 169 -9.78 10.51 19.86
CA ILE B 169 -9.31 9.60 20.90
C ILE B 169 -8.03 10.12 21.54
N LEU B 170 -7.15 10.66 20.71
CA LEU B 170 -5.96 11.29 21.22
C LEU B 170 -6.38 12.35 22.26
N PHE B 171 -7.41 13.12 21.93
CA PHE B 171 -7.80 14.29 22.75
C PHE B 171 -8.56 13.93 24.04
N THR B 172 -9.20 12.77 24.04
CA THR B 172 -10.18 12.40 25.06
C THR B 172 -9.92 11.05 25.73
N ASN B 173 -9.09 10.20 25.14
CA ASN B 173 -8.84 8.85 25.63
C ASN B 173 -7.41 8.42 25.32
N LEU B 174 -6.48 9.33 25.57
CA LEU B 174 -5.10 9.17 25.14
C LEU B 174 -4.49 7.80 25.50
N ASN B 175 -4.77 7.29 26.71
CA ASN B 175 -4.09 6.09 27.16
C ASN B 175 -4.49 4.83 26.39
N ALA B 176 -5.55 4.89 25.60
CA ALA B 176 -5.99 3.73 24.87
C ALA B 176 -4.95 3.21 23.83
N PHE B 177 -4.12 4.10 23.28
CA PHE B 177 -3.06 3.69 22.33
C PHE B 177 -1.83 4.46 22.65
N GLN B 178 -0.68 3.88 22.37
CA GLN B 178 0.56 4.58 22.64
C GLN B 178 1.12 5.30 21.42
N ASN B 179 0.58 5.02 20.23
CA ASN B 179 0.95 5.75 19.01
C ASN B 179 -0.32 6.01 18.19
N TYR B 180 -0.33 7.14 17.50
CA TYR B 180 -1.44 7.58 16.66
C TYR B 180 -0.87 7.93 15.29
N PHE B 181 -1.36 7.23 14.26
CA PHE B 181 -0.99 7.52 12.88
C PHE B 181 -2.23 8.17 12.27
N ILE B 182 -2.18 9.49 12.11
CA ILE B 182 -3.38 10.28 11.78
C ILE B 182 -3.20 10.90 10.42
N SER B 183 -3.89 10.34 9.43
CA SER B 183 -3.74 10.67 8.02
C SER B 183 -4.89 11.52 7.54
N SER B 184 -4.59 12.71 7.02
CA SER B 184 -5.57 13.67 6.46
C SER B 184 -6.87 13.76 7.26
N PRO B 185 -6.76 14.01 8.57
CA PRO B 185 -7.96 13.97 9.45
C PRO B 185 -8.98 15.03 9.07
N SER B 186 -10.26 14.67 9.09
CA SER B 186 -11.28 15.61 8.64
C SER B 186 -11.60 16.61 9.78
N ILE B 187 -10.58 17.41 10.14
CA ILE B 187 -10.64 18.38 11.24
C ILE B 187 -11.80 19.35 11.09
N TRP B 188 -12.11 19.70 9.85
CA TRP B 188 -13.16 20.67 9.50
C TRP B 188 -14.59 20.18 9.84
N TRP B 189 -14.73 18.88 10.10
CA TRP B 189 -15.99 18.24 10.37
C TRP B 189 -16.78 19.03 11.44
N ASN B 190 -18.04 19.30 11.14
CA ASN B 190 -18.96 19.92 12.09
C ASN B 190 -18.36 21.18 12.72
N ASN B 191 -17.92 22.09 11.86
CA ASN B 191 -17.35 23.36 12.30
C ASN B 191 -16.19 23.25 13.25
N LYS B 192 -15.33 22.28 12.97
CA LYS B 192 -14.12 22.04 13.72
C LYS B 192 -14.40 21.66 15.16
N SER B 193 -15.50 20.94 15.38
CA SER B 193 -15.91 20.56 16.74
C SER B 193 -14.86 19.76 17.49
N VAL B 194 -14.16 18.84 16.81
CA VAL B 194 -13.10 18.05 17.47
C VAL B 194 -12.01 18.90 18.16
N LEU B 195 -11.74 20.09 17.65
CA LEU B 195 -10.69 20.98 18.23
C LEU B 195 -11.06 21.62 19.59
N GLU B 196 -12.33 21.59 19.94
CA GLU B 196 -12.81 22.02 21.26
C GLU B 196 -12.20 21.17 22.38
N LYS B 197 -11.78 19.95 22.05
CA LYS B 197 -11.08 19.06 22.94
C LYS B 197 -9.55 19.15 22.87
N GLU B 198 -9.00 19.98 21.97
CA GLU B 198 -7.55 20.03 21.80
C GLU B 198 -6.77 20.45 23.07
N GLU B 199 -7.28 21.46 23.77
CA GLU B 199 -6.66 21.88 25.04
C GLU B 199 -6.60 20.73 26.06
N ASN B 200 -7.59 19.84 26.00
CA ASN B 200 -7.66 18.68 26.90
C ASN B 200 -6.42 17.77 26.81
N LEU B 201 -5.65 17.87 25.73
CA LEU B 201 -4.45 17.05 25.52
C LEU B 201 -3.39 17.19 26.62
N ILE B 202 -3.18 18.42 27.13
CA ILE B 202 -2.26 18.64 28.27
C ILE B 202 -2.68 17.85 29.51
N ILE B 203 -3.97 17.92 29.84
CA ILE B 203 -4.51 17.14 30.97
C ILE B 203 -4.15 15.66 30.77
N GLU B 204 -4.41 15.15 29.58
CA GLU B 204 -4.12 13.75 29.27
C GLU B 204 -2.65 13.41 29.32
N LEU B 205 -1.81 14.30 28.79
CA LEU B 205 -0.37 14.07 28.77
C LEU B 205 0.18 13.99 30.20
N ASN B 206 -0.38 14.83 31.06
CA ASN B 206 0.03 14.82 32.48
C ASN B 206 -0.43 13.58 33.26
N ASN B 207 -1.43 12.86 32.74
CA ASN B 207 -1.83 11.54 33.28
C ASN B 207 -1.17 10.31 32.57
N ALA B 208 -0.48 10.57 31.47
CA ALA B 208 -0.01 9.50 30.57
C ALA B 208 1.01 8.55 31.21
N LYS B 209 0.79 7.25 31.00
CA LYS B 209 1.73 6.23 31.48
C LYS B 209 2.97 6.21 30.58
N PHE B 210 2.74 6.09 29.27
CA PHE B 210 3.81 5.91 28.29
C PHE B 210 3.98 7.19 27.47
N GLU B 211 5.20 7.44 27.00
CA GLU B 211 5.40 8.47 25.98
C GLU B 211 4.54 8.08 24.77
N THR B 212 3.86 9.08 24.22
CA THR B 212 2.86 8.89 23.18
C THR B 212 3.37 9.47 21.85
N GLY B 213 3.34 8.64 20.81
CA GLY B 213 3.78 9.06 19.47
C GLY B 213 2.57 9.51 18.64
N VAL B 214 2.69 10.63 17.96
CA VAL B 214 1.63 11.15 17.05
C VAL B 214 2.28 11.53 15.70
N PHE B 215 1.87 10.82 14.65
CA PHE B 215 2.30 11.11 13.29
C PHE B 215 1.07 11.61 12.53
N LEU B 216 1.19 12.84 12.03
CA LEU B 216 0.13 13.58 11.33
C LEU B 216 0.63 13.82 9.88
N THR B 217 -0.22 13.55 8.89
CA THR B 217 0.17 13.65 7.50
C THR B 217 -0.99 14.25 6.67
N VAL B 218 -0.64 14.90 5.58
CA VAL B 218 -1.63 15.42 4.61
C VAL B 218 -0.95 15.45 3.25
N GLY B 219 -1.72 15.34 2.18
CA GLY B 219 -1.16 15.44 0.83
C GLY B 219 -1.16 16.91 0.43
N SER B 220 -0.07 17.38 -0.18
CA SER B 220 0.09 18.83 -0.53
C SER B 220 -0.97 19.29 -1.54
N LEU B 221 -1.52 18.38 -2.34
CA LEU B 221 -2.54 18.74 -3.33
C LEU B 221 -3.98 18.54 -2.89
N GLU B 222 -4.19 18.30 -1.60
CA GLU B 222 -5.54 18.21 -1.04
C GLU B 222 -6.25 19.58 -1.08
N ARG B 223 -7.54 19.61 -0.75
CA ARG B 223 -8.28 20.86 -0.73
C ARG B 223 -7.58 21.84 0.18
N GLU B 224 -7.53 23.09 -0.25
CA GLU B 224 -6.84 24.14 0.51
C GLU B 224 -7.19 24.15 2.01
N HIS B 225 -8.47 24.11 2.34
CA HIS B 225 -8.87 24.12 3.77
C HIS B 225 -8.31 22.93 4.59
N MSE B 226 -8.14 21.77 3.94
CA MSE B 226 -7.58 20.62 4.64
C MSE B 226 -6.07 20.79 4.85
O MSE B 226 -5.56 20.51 5.92
CB MSE B 226 -7.82 19.35 3.83
CG MSE B 226 -7.07 18.12 4.35
SE MSE B 226 -7.90 17.34 5.95
CE MSE B 226 -6.28 17.14 7.00
N VAL B 227 -5.38 21.21 3.80
CA VAL B 227 -3.95 21.44 3.88
C VAL B 227 -3.63 22.47 4.99
N VAL B 228 -4.34 23.60 4.98
CA VAL B 228 -4.18 24.66 6.02
C VAL B 228 -4.54 24.12 7.41
N GLY B 229 -5.70 23.48 7.54
CA GLY B 229 -6.09 22.83 8.83
C GLY B 229 -5.04 21.92 9.46
N ALA B 230 -4.49 21.00 8.67
CA ALA B 230 -3.45 20.08 9.15
C ALA B 230 -2.16 20.82 9.48
N ASN B 231 -1.78 21.81 8.67
CA ASN B 231 -0.56 22.61 8.95
C ASN B 231 -0.68 23.43 10.25
N GLU B 232 -1.82 24.06 10.42
CA GLU B 232 -2.10 24.83 11.66
C GLU B 232 -2.11 23.93 12.90
N LEU B 233 -2.71 22.74 12.78
CA LEU B 233 -2.71 21.81 13.88
C LEU B 233 -1.27 21.38 14.19
N SER B 234 -0.49 21.09 13.16
CA SER B 234 0.90 20.68 13.33
C SER B 234 1.67 21.74 14.15
N GLU B 235 1.61 22.98 13.69
CA GLU B 235 2.24 24.11 14.40
C GLU B 235 1.87 24.20 15.90
N ARG B 236 0.59 24.05 16.23
CA ARG B 236 0.14 23.99 17.62
C ARG B 236 0.72 22.79 18.38
N LEU B 237 0.68 21.59 17.78
CA LEU B 237 1.23 20.40 18.44
C LEU B 237 2.74 20.48 18.64
N LEU B 238 3.43 21.16 17.73
CA LEU B 238 4.86 21.39 17.84
C LEU B 238 5.18 22.33 19.02
N GLN B 239 4.18 23.12 19.43
CA GLN B 239 4.27 24.07 20.56
C GLN B 239 4.10 23.40 21.92
N VAL B 240 3.43 22.25 21.92
CA VAL B 240 3.24 21.49 23.14
C VAL B 240 4.64 20.97 23.40
N ASN B 241 5.13 21.15 24.62
CA ASN B 241 6.52 20.77 24.86
C ASN B 241 6.59 19.82 26.03
N HIS B 242 6.12 18.61 25.82
CA HIS B 242 5.84 17.71 26.91
C HIS B 242 6.63 16.42 26.73
N ASP B 243 7.13 15.88 27.84
CA ASP B 243 7.98 14.68 27.80
C ASP B 243 7.23 13.41 27.36
N LYS B 244 5.91 13.46 27.42
CA LYS B 244 5.06 12.35 27.06
C LYS B 244 4.52 12.40 25.62
N LEU B 245 4.76 13.51 24.93
CA LEU B 245 4.32 13.69 23.53
C LEU B 245 5.50 13.75 22.56
N LYS B 246 5.52 12.82 21.61
CA LYS B 246 6.50 12.81 20.53
C LYS B 246 5.69 13.01 19.25
N PHE B 247 5.91 14.14 18.59
CA PHE B 247 5.10 14.53 17.43
C PHE B 247 5.91 14.69 16.16
N LYS B 248 5.37 14.16 15.05
CA LYS B 248 5.97 14.32 13.72
C LYS B 248 4.89 14.67 12.70
N PHE B 249 5.17 15.64 11.85
CA PHE B 249 4.27 16.02 10.76
C PHE B 249 4.93 15.78 9.41
N TYR B 250 4.14 15.33 8.43
CA TYR B 250 4.66 15.11 7.07
C TYR B 250 3.65 15.56 6.02
N GLU B 251 4.02 16.57 5.24
CA GLU B 251 3.19 16.99 4.13
C GLU B 251 3.76 16.30 2.91
N ALA B 252 2.95 15.44 2.31
CA ALA B 252 3.38 14.64 1.16
C ALA B 252 3.30 15.49 -0.11
N GLU B 253 4.45 16.01 -0.54
N GLU B 253 4.44 16.01 -0.54
CA GLU B 253 4.52 16.85 -1.75
CA GLU B 253 4.47 16.91 -1.69
C GLU B 253 3.95 16.12 -2.96
C GLU B 253 4.01 16.19 -2.97
N GLY B 254 3.02 16.77 -3.65
CA GLY B 254 2.48 16.21 -4.91
C GLY B 254 1.51 15.06 -4.73
N GLU B 255 1.13 14.76 -3.50
CA GLU B 255 0.15 13.72 -3.27
C GLU B 255 -1.26 14.28 -2.99
N ASN B 256 -2.26 13.42 -3.15
CA ASN B 256 -3.64 13.83 -2.96
C ASN B 256 -4.30 13.07 -1.82
N HIS B 257 -5.58 13.33 -1.59
CA HIS B 257 -6.32 12.74 -0.48
C HIS B 257 -6.29 11.20 -0.45
N ALA B 258 -6.33 10.59 -1.64
CA ALA B 258 -6.34 9.12 -1.78
C ALA B 258 -4.94 8.52 -1.79
N SER B 259 -3.91 9.30 -2.07
CA SER B 259 -2.59 8.73 -2.32
C SER B 259 -1.62 8.97 -1.18
N VAL B 260 -1.98 9.87 -0.26
CA VAL B 260 -1.11 10.13 0.89
C VAL B 260 -0.82 8.89 1.77
N VAL B 261 -1.80 8.00 1.92
CA VAL B 261 -1.61 6.84 2.78
C VAL B 261 -0.40 5.94 2.39
N PRO B 262 -0.40 5.33 1.17
CA PRO B 262 0.74 4.50 0.73
C PRO B 262 2.05 5.26 0.73
N THR B 263 1.99 6.53 0.31
CA THR B 263 3.19 7.35 0.22
C THR B 263 3.86 7.54 1.60
N SER B 264 3.03 7.89 2.59
CA SER B 264 3.50 8.19 3.97
C SER B 264 3.58 6.95 4.88
N LEU B 265 3.14 5.80 4.35
CA LEU B 265 3.02 4.59 5.14
C LEU B 265 4.32 4.25 5.87
N SER B 266 5.42 4.19 5.13
CA SER B 266 6.70 3.68 5.67
C SER B 266 7.31 4.63 6.71
N LYS B 267 7.28 5.92 6.40
CA LYS B 267 7.59 6.98 7.40
C LYS B 267 6.79 6.76 8.70
N GLY B 268 5.50 6.50 8.53
CA GLY B 268 4.61 6.22 9.66
C GLY B 268 5.02 4.99 10.44
N LEU B 269 5.32 3.90 9.74
CA LEU B 269 5.74 2.64 10.39
C LEU B 269 7.07 2.78 11.13
N ARG B 270 8.01 3.53 10.55
CA ARG B 270 9.27 3.77 11.22
C ARG B 270 9.00 4.56 12.50
N PHE B 271 8.09 5.52 12.43
CA PHE B 271 7.82 6.42 13.57
C PHE B 271 7.20 5.68 14.74
N ILE B 272 6.29 4.74 14.45
CA ILE B 272 5.54 4.03 15.48
C ILE B 272 6.24 2.78 15.99
N SER B 273 7.40 2.44 15.41
CA SER B 273 8.10 1.20 15.70
C SER B 273 9.14 1.42 16.80
N TYR B 274 9.77 0.32 17.17
CA TYR B 274 10.57 0.21 18.38
C TYR B 274 12.02 -0.23 18.16
N VAL B 275 12.48 -0.19 16.92
CA VAL B 275 13.81 -0.68 16.58
C VAL B 275 14.86 0.38 16.95
S SO4 C . 3.94 13.60 -9.78
O1 SO4 C . 2.82 12.84 -10.36
O2 SO4 C . 3.89 14.95 -10.34
O3 SO4 C . 3.85 13.68 -8.31
O4 SO4 C . 5.25 13.01 -10.10
S SO4 D . 7.70 -20.26 1.72
O1 SO4 D . 6.38 -20.89 1.49
O2 SO4 D . 7.57 -18.78 1.61
O3 SO4 D . 8.22 -20.54 3.05
O4 SO4 D . 8.69 -20.76 0.77
S SO4 E . -20.37 -2.91 -0.98
O1 SO4 E . -21.36 -2.18 -0.19
O2 SO4 E . -20.68 -2.75 -2.42
O3 SO4 E . -19.01 -2.36 -0.75
O4 SO4 E . -20.42 -4.34 -0.59
S SO4 F . 11.91 9.55 8.17
O1 SO4 F . 11.44 8.36 8.90
O2 SO4 F . 11.73 9.43 6.71
O3 SO4 F . 11.17 10.77 8.58
O4 SO4 F . 13.34 9.76 8.44
S SO4 G . -10.31 17.56 2.52
O1 SO4 G . -10.59 16.63 3.63
O2 SO4 G . -11.61 18.02 1.94
O3 SO4 G . -9.70 18.80 3.03
O4 SO4 G . -9.31 16.91 1.57
#